data_5H3G
#
_entry.id   5H3G
#
_cell.length_a   59.680
_cell.length_b   59.680
_cell.length_c   60.720
_cell.angle_alpha   90.00
_cell.angle_beta   90.00
_cell.angle_gamma   120.00
#
_symmetry.space_group_name_H-M   'P 32 2 1'
#
loop_
_entity.id
_entity.type
_entity.pdbx_description
1 polymer 'Putative Acyl-CoA binding protein (ACBP)'
2 non-polymer 'CHLORIDE ION'
3 non-polymer GLYCEROL
4 water water
#
_entity_poly.entity_id   1
_entity_poly.type   'polypeptide(L)'
_entity_poly.pdbx_seq_one_letter_code
;WGSMGLQEDFEQYAEKAKTLPESTSNENKLILYGLYKQATVGDVNTARPGIFAQRDRAKWDAWKAVEGKSKEEAMSDYIT
KVKQLLEEAAAAAS
;
_entity_poly.pdbx_strand_id   A
#
loop_
_chem_comp.id
_chem_comp.type
_chem_comp.name
_chem_comp.formula
CL non-polymer 'CHLORIDE ION' 'Cl -1'
GOL non-polymer GLYCEROL 'C3 H8 O3'
#
# COMPACT_ATOMS: atom_id res chain seq x y z
N GLY A 2 4.38 16.48 1.97
CA GLY A 2 4.50 15.93 0.64
C GLY A 2 4.54 17.00 -0.43
N SER A 3 5.38 16.81 -1.45
CA SER A 3 5.39 17.75 -2.56
C SER A 3 4.10 17.60 -3.36
N MET A 4 3.72 18.68 -4.04
CA MET A 4 2.39 18.77 -4.65
C MET A 4 2.17 17.68 -5.69
N GLY A 5 3.11 17.54 -6.63
CA GLY A 5 2.94 16.56 -7.69
C GLY A 5 2.85 15.13 -7.15
N LEU A 6 3.65 14.83 -6.12
CA LEU A 6 3.59 13.52 -5.51
C LEU A 6 2.26 13.28 -4.80
N GLN A 7 1.78 14.27 -4.05
CA GLN A 7 0.50 14.11 -3.37
CA GLN A 7 0.50 14.10 -3.36
C GLN A 7 -0.63 13.88 -4.36
N GLU A 8 -0.60 14.60 -5.49
CA GLU A 8 -1.59 14.40 -6.54
C GLU A 8 -1.50 12.99 -7.10
N ASP A 9 -0.29 12.55 -7.45
CA ASP A 9 -0.06 11.19 -7.92
C ASP A 9 -0.58 10.17 -6.93
N PHE A 10 -0.33 10.40 -5.64
CA PHE A 10 -0.71 9.42 -4.63
C PHE A 10 -2.23 9.27 -4.57
N GLU A 11 -2.94 10.39 -4.55
CA GLU A 11 -4.39 10.31 -4.52
C GLU A 11 -4.93 9.67 -5.78
N GLN A 12 -4.31 9.97 -6.93
CA GLN A 12 -4.75 9.36 -8.17
C GLN A 12 -4.55 7.85 -8.17
N TYR A 13 -3.37 7.40 -7.76
CA TYR A 13 -3.12 5.97 -7.79
C TYR A 13 -3.84 5.24 -6.68
N ALA A 14 -4.10 5.88 -5.53
CA ALA A 14 -4.95 5.24 -4.53
C ALA A 14 -6.34 5.01 -5.10
N GLU A 15 -6.82 5.93 -5.95
CA GLU A 15 -8.10 5.72 -6.62
C GLU A 15 -8.00 4.63 -7.67
N LYS A 16 -6.91 4.61 -8.44
CA LYS A 16 -6.77 3.60 -9.48
C LYS A 16 -6.58 2.21 -8.89
N ALA A 17 -6.07 2.13 -7.64
CA ALA A 17 -5.88 0.83 -7.01
C ALA A 17 -7.20 0.08 -6.87
N LYS A 18 -8.32 0.81 -6.78
CA LYS A 18 -9.64 0.20 -6.68
CA LYS A 18 -9.60 0.16 -6.65
C LYS A 18 -9.96 -0.66 -7.88
N THR A 19 -9.33 -0.41 -9.03
CA THR A 19 -9.62 -1.14 -10.26
C THR A 19 -8.85 -2.46 -10.34
N LEU A 20 -7.95 -2.73 -9.41
CA LEU A 20 -7.28 -4.01 -9.44
CA LEU A 20 -7.28 -4.01 -9.40
C LEU A 20 -8.31 -5.12 -9.19
N PRO A 21 -8.13 -6.28 -9.84
CA PRO A 21 -9.09 -7.38 -9.65
C PRO A 21 -9.26 -7.75 -8.18
N GLU A 22 -10.48 -8.15 -7.85
CA GLU A 22 -10.73 -8.68 -6.51
C GLU A 22 -9.83 -9.86 -6.20
N SER A 23 -9.36 -10.57 -7.24
CA SER A 23 -8.54 -11.76 -7.06
C SER A 23 -7.08 -11.44 -6.82
N THR A 24 -6.71 -10.16 -6.74
CA THR A 24 -5.33 -9.79 -6.45
C THR A 24 -4.82 -10.51 -5.21
N SER A 25 -3.64 -11.13 -5.33
CA SER A 25 -3.08 -11.92 -4.25
C SER A 25 -3.04 -11.11 -2.96
N ASN A 26 -3.38 -11.78 -1.85
CA ASN A 26 -3.29 -11.11 -0.56
C ASN A 26 -1.87 -10.70 -0.22
N GLU A 27 -0.84 -11.38 -0.77
CA GLU A 27 0.53 -10.92 -0.57
C GLU A 27 0.68 -9.47 -1.00
N ASN A 28 0.12 -9.14 -2.17
CA ASN A 28 0.25 -7.80 -2.71
C ASN A 28 -0.69 -6.83 -2.01
N LYS A 29 -1.90 -7.29 -1.63
CA LYS A 29 -2.79 -6.45 -0.87
C LYS A 29 -2.14 -6.00 0.44
N LEU A 30 -1.37 -6.90 1.06
CA LEU A 30 -0.71 -6.55 2.33
C LEU A 30 0.40 -5.52 2.10
N ILE A 31 1.15 -5.67 1.01
CA ILE A 31 2.19 -4.70 0.70
CA ILE A 31 2.19 -4.70 0.69
C ILE A 31 1.58 -3.31 0.50
N LEU A 32 0.48 -3.24 -0.25
CA LEU A 32 -0.18 -1.96 -0.46
C LEU A 32 -0.73 -1.40 0.85
N TYR A 33 -1.32 -2.27 1.68
CA TYR A 33 -1.85 -1.81 2.95
C TYR A 33 -0.76 -1.14 3.78
N GLY A 34 0.39 -1.81 3.93
CA GLY A 34 1.41 -1.25 4.79
C GLY A 34 1.91 0.10 4.31
N LEU A 35 2.13 0.23 2.99
CA LEU A 35 2.59 1.49 2.45
C LEU A 35 1.52 2.57 2.55
N TYR A 36 0.25 2.20 2.35
CA TYR A 36 -0.81 3.19 2.47
C TYR A 36 -0.89 3.74 3.89
N LYS A 37 -0.87 2.85 4.88
CA LYS A 37 -0.81 3.30 6.26
C LYS A 37 0.39 4.22 6.50
N GLN A 38 1.58 3.75 6.12
CA GLN A 38 2.79 4.53 6.35
C GLN A 38 2.72 5.90 5.67
N ALA A 39 2.20 5.92 4.44
CA ALA A 39 2.13 7.15 3.64
C ALA A 39 1.20 8.18 4.27
N THR A 40 0.06 7.74 4.81
CA THR A 40 -0.96 8.67 5.29
C THR A 40 -0.82 8.99 6.77
N VAL A 41 -0.51 8.02 7.63
CA VAL A 41 -0.51 8.28 9.06
C VAL A 41 0.86 8.04 9.71
N GLY A 42 1.85 7.56 8.97
CA GLY A 42 3.18 7.42 9.55
C GLY A 42 3.38 6.10 10.28
N ASP A 43 4.34 6.13 11.21
CA ASP A 43 4.80 4.90 11.86
C ASP A 43 3.68 4.22 12.62
N VAL A 44 3.67 2.89 12.55
CA VAL A 44 2.69 2.13 13.34
C VAL A 44 2.87 2.44 14.81
N ASN A 45 1.76 2.72 15.48
CA ASN A 45 1.72 3.23 16.85
C ASN A 45 1.00 2.26 17.78
N THR A 46 1.13 0.96 17.53
CA THR A 46 0.54 -0.06 18.38
C THR A 46 1.50 -1.22 18.51
N ALA A 47 1.23 -2.09 19.48
CA ALA A 47 2.04 -3.28 19.67
C ALA A 47 1.57 -4.38 18.74
N ARG A 48 2.50 -5.26 18.37
CA ARG A 48 2.19 -6.33 17.44
C ARG A 48 1.05 -7.19 17.96
N PRO A 49 0.02 -7.45 17.16
CA PRO A 49 -1.07 -8.31 17.63
C PRO A 49 -0.57 -9.71 17.91
N GLY A 50 -1.06 -10.30 19.00
CA GLY A 50 -0.75 -11.69 19.29
C GLY A 50 -1.24 -12.63 18.20
N ILE A 51 -0.66 -13.83 18.19
CA ILE A 51 -1.02 -14.83 17.17
C ILE A 51 -2.52 -15.09 17.16
N PHE A 52 -3.12 -15.17 18.33
CA PHE A 52 -4.53 -15.55 18.44
C PHE A 52 -5.43 -14.34 18.65
N ALA A 53 -4.92 -13.14 18.44
CA ALA A 53 -5.71 -11.95 18.62
C ALA A 53 -6.72 -11.79 17.48
N GLN A 54 -7.74 -10.97 17.74
CA GLN A 54 -8.68 -10.63 16.68
C GLN A 54 -8.07 -9.63 15.71
N ARG A 55 -7.20 -8.73 16.20
CA ARG A 55 -6.45 -7.84 15.32
C ARG A 55 -5.60 -8.62 14.33
N ASP A 56 -5.59 -8.16 13.09
CA ASP A 56 -4.91 -8.84 11.98
C ASP A 56 -3.40 -8.67 12.11
N ARG A 57 -2.69 -9.73 12.49
CA ARG A 57 -1.23 -9.64 12.64
C ARG A 57 -0.55 -9.39 11.30
N ALA A 58 -1.05 -10.01 10.22
CA ALA A 58 -0.41 -9.84 8.91
C ALA A 58 -0.43 -8.38 8.47
N LYS A 59 -1.57 -7.69 8.63
CA LYS A 59 -1.64 -6.28 8.28
C LYS A 59 -0.70 -5.45 9.15
N TRP A 60 -0.71 -5.67 10.46
CA TRP A 60 0.19 -4.93 11.33
C TRP A 60 1.65 -5.15 10.94
N ASP A 61 2.00 -6.40 10.64
CA ASP A 61 3.37 -6.71 10.24
C ASP A 61 3.75 -5.99 8.94
N ALA A 62 2.82 -5.88 8.00
CA ALA A 62 3.13 -5.20 6.75
C ALA A 62 3.41 -3.72 7.00
N TRP A 63 2.69 -3.13 7.95
CA TRP A 63 2.87 -1.72 8.27
C TRP A 63 4.18 -1.53 9.05
N LYS A 64 4.42 -2.38 10.04
CA LYS A 64 5.68 -2.35 10.78
C LYS A 64 6.88 -2.43 9.85
N ALA A 65 6.76 -3.20 8.76
CA ALA A 65 7.88 -3.44 7.88
C ALA A 65 8.36 -2.19 7.16
N VAL A 66 7.53 -1.17 7.02
CA VAL A 66 7.93 0.04 6.32
C VAL A 66 8.09 1.20 7.31
N GLU A 67 8.21 0.89 8.60
CA GLU A 67 8.45 1.92 9.60
C GLU A 67 9.70 2.73 9.26
N GLY A 68 9.63 4.04 9.51
CA GLY A 68 10.73 4.95 9.26
C GLY A 68 10.68 5.69 7.94
N LYS A 69 9.73 5.39 7.06
CA LYS A 69 9.69 6.08 5.78
C LYS A 69 8.95 7.40 5.92
N SER A 70 9.49 8.46 5.33
CA SER A 70 8.77 9.72 5.27
C SER A 70 7.47 9.57 4.47
N LYS A 71 6.58 10.56 4.65
CA LYS A 71 5.36 10.64 3.83
C LYS A 71 5.71 10.64 2.35
N GLU A 72 6.76 11.38 2.00
CA GLU A 72 7.17 11.42 0.61
C GLU A 72 7.66 10.05 0.15
N GLU A 73 8.44 9.33 0.99
CA GLU A 73 8.99 8.03 0.61
C GLU A 73 7.88 6.98 0.47
N ALA A 74 6.97 6.92 1.45
CA ALA A 74 5.97 5.86 1.44
C ALA A 74 4.93 6.11 0.36
N MET A 75 4.53 7.36 0.16
CA MET A 75 3.70 7.70 -1.00
C MET A 75 4.37 7.25 -2.28
N SER A 76 5.68 7.52 -2.37
CA SER A 76 6.50 7.09 -3.50
C SER A 76 6.39 5.60 -3.73
N ASP A 77 6.68 4.82 -2.71
CA ASP A 77 6.69 3.37 -2.85
C ASP A 77 5.30 2.86 -3.18
N TYR A 78 4.28 3.37 -2.48
CA TYR A 78 2.90 2.96 -2.76
C TYR A 78 2.58 3.13 -4.23
N ILE A 79 2.92 4.30 -4.78
CA ILE A 79 2.66 4.59 -6.19
C ILE A 79 3.38 3.58 -7.08
N THR A 80 4.66 3.30 -6.80
CA THR A 80 5.38 2.38 -7.67
CA THR A 80 5.40 2.37 -7.65
C THR A 80 4.80 0.97 -7.57
N LYS A 81 4.38 0.54 -6.39
CA LYS A 81 3.80 -0.79 -6.27
C LYS A 81 2.46 -0.88 -6.98
N VAL A 82 1.61 0.15 -6.84
CA VAL A 82 0.31 0.16 -7.52
C VAL A 82 0.51 0.18 -9.03
N LYS A 83 1.44 1.01 -9.52
CA LYS A 83 1.72 1.07 -10.95
CA LYS A 83 1.67 1.06 -10.96
C LYS A 83 2.11 -0.30 -11.49
N GLN A 84 3.00 -0.99 -10.78
CA GLN A 84 3.42 -2.33 -11.21
C GLN A 84 2.22 -3.28 -11.26
N LEU A 85 1.40 -3.27 -10.21
CA LEU A 85 0.24 -4.15 -10.17
C LEU A 85 -0.76 -3.82 -11.28
N LEU A 86 -0.94 -2.52 -11.58
CA LEU A 86 -1.84 -2.12 -12.65
C LEU A 86 -1.34 -2.61 -14.00
N GLU A 87 -0.03 -2.55 -14.21
CA GLU A 87 0.51 -3.05 -15.46
C GLU A 87 0.41 -4.58 -15.53
N GLU A 88 0.58 -5.25 -14.40
CA GLU A 88 0.44 -6.70 -14.40
C GLU A 88 -1.02 -7.11 -14.62
N ALA A 89 -1.98 -6.35 -14.06
CA ALA A 89 -3.39 -6.66 -14.27
C ALA A 89 -3.76 -6.48 -15.73
N ALA A 90 -3.25 -5.41 -16.36
CA ALA A 90 -3.53 -5.19 -17.77
C ALA A 90 -2.90 -6.29 -18.63
N ALA A 91 -1.69 -6.72 -18.28
CA ALA A 91 -1.05 -7.83 -19.01
C ALA A 91 -1.86 -9.10 -18.88
N ALA A 92 -2.38 -9.38 -17.68
CA ALA A 92 -3.22 -10.56 -17.45
C ALA A 92 -4.47 -10.52 -18.31
N ALA A 93 -4.98 -9.33 -18.59
CA ALA A 93 -6.22 -9.17 -19.33
C ALA A 93 -6.00 -8.99 -20.83
N SER A 94 -4.77 -9.10 -21.31
CA SER A 94 -4.51 -8.94 -22.74
C SER A 94 -3.72 -10.14 -23.28
CL CL B . -3.05 -15.09 -2.43
CL CL C . 2.30 8.60 -13.45
CL CL D . -4.49 4.27 12.14
C1 GOL E . 9.14 22.35 4.73
O1 GOL E . 9.73 23.45 5.41
C2 GOL E . 9.45 21.07 5.49
O2 GOL E . 10.35 21.35 6.54
C3 GOL E . 10.06 20.05 4.54
O3 GOL E . 10.28 18.84 5.24
C1 GOL F . -5.01 10.01 1.46
O1 GOL F . -4.78 11.11 2.32
C2 GOL F . -6.36 10.15 0.77
O2 GOL F . -6.67 11.52 0.59
C3 GOL F . -6.32 9.46 -0.58
O3 GOL F . -7.58 9.64 -1.19
C1 GOL G . 6.85 18.51 1.68
O1 GOL G . 8.14 18.50 1.14
C2 GOL G . 6.55 19.83 2.38
O2 GOL G . 5.46 20.48 1.76
C3 GOL G . 6.26 19.57 3.85
O3 GOL G . 5.73 18.26 3.97
C1 GOL H . 5.61 15.66 6.11
O1 GOL H . 4.56 15.75 5.19
C2 GOL H . 5.54 14.35 6.90
O2 GOL H . 4.78 14.53 8.09
C3 GOL H . 6.96 13.89 7.24
O3 GOL H . 7.25 12.66 6.61
#